data_4RE1
#
_entry.id   4RE1
#
_cell.length_a   44.250
_cell.length_b   105.030
_cell.length_c   164.780
_cell.angle_alpha   90.00
_cell.angle_beta   90.00
_cell.angle_gamma   90.00
#
_symmetry.space_group_name_H-M   'P 21 21 21'
#
loop_
_entity.id
_entity.type
_entity.pdbx_description
1 polymer 'Transcriptional enhancer factor TEF-1'
2 polymer 'Yorkie homolog'
3 non-polymer 'CHLORIDE ION'
4 water water
#
loop_
_entity_poly.entity_id
_entity_poly.type
_entity_poly.pdbx_seq_one_letter_code
_entity_poly.pdbx_strand_id
1 'polypeptide(L)'
;MARSIGTTKLRLVEFSAFLEQQRDPDSYNKHLFVHIGHANHSYSDPLLESVDIRQIYDKFPEKKGGLKELFGKGPQNAFF
LVKFWADLNCNIQDDAGAFYGVTSQYESSENMTVTCSTKVCSFGKQVVEKVETEYARFENGRFVYRINRSPMCEYMINFI
HKLKHLPEKYMMNSVLENFTILLVVTNRDTQETLLCMACVFEVSNSEHGAQHHIYRLVKD
;
A,B
2 'polypeptide(L)'
;MGSSHHHHHHHHHHSSGRENLYFQSHMAGHQIVHVRGDSETDLEALFNAVMNPKTANVPQTVPMCLRKLPASFCKPPRPK
SHSRQASTDAGTAGALTPQHVRAHSSPASLQLGAVSPGTLTPTGVVSGPAATPTAQHLRQSSFEIPDDV
;
C,D
#
loop_
_chem_comp.id
_chem_comp.type
_chem_comp.name
_chem_comp.formula
CL non-polymer 'CHLORIDE ION' 'Cl -1'
#
# COMPACT_ATOMS: atom_id res chain seq x y z
N ARG A 3 -4.67 9.62 -1.92
CA ARG A 3 -4.31 10.06 -3.26
C ARG A 3 -2.80 10.00 -3.45
N SER A 4 -2.32 8.85 -3.88
CA SER A 4 -0.89 8.62 -3.97
C SER A 4 -0.59 7.66 -5.11
N ILE A 5 0.60 7.79 -5.66
CA ILE A 5 1.03 6.90 -6.71
C ILE A 5 1.71 5.72 -6.03
N GLY A 6 0.96 4.65 -5.85
CA GLY A 6 1.53 3.48 -5.20
C GLY A 6 0.59 2.34 -4.95
N THR A 7 1.20 1.20 -4.65
CA THR A 7 0.48 -0.02 -4.33
C THR A 7 0.97 -0.52 -2.99
N THR A 8 0.53 -1.72 -2.61
CA THR A 8 1.02 -2.37 -1.40
C THR A 8 2.49 -2.79 -1.52
N LYS A 9 3.01 -2.82 -2.74
CA LYS A 9 4.38 -3.26 -2.92
C LYS A 9 5.37 -2.13 -3.17
N LEU A 10 4.91 -1.00 -3.69
CA LEU A 10 5.82 0.12 -3.95
C LEU A 10 5.04 1.42 -4.07
N ARG A 11 5.59 2.46 -3.47
CA ARG A 11 4.99 3.79 -3.51
C ARG A 11 6.04 4.81 -3.98
N LEU A 12 5.64 5.69 -4.89
CA LEU A 12 6.46 6.85 -5.23
C LEU A 12 6.27 7.88 -4.14
N VAL A 13 7.35 8.23 -3.45
CA VAL A 13 7.27 9.14 -2.30
C VAL A 13 7.49 10.57 -2.73
N GLU A 14 8.44 10.74 -3.62
CA GLU A 14 8.84 12.07 -4.04
C GLU A 14 9.38 11.96 -5.44
N PHE A 15 9.07 12.98 -6.22
CA PHE A 15 9.61 13.09 -7.56
C PHE A 15 9.77 14.58 -7.80
N SER A 16 10.91 14.98 -8.33
CA SER A 16 11.01 16.37 -8.74
C SER A 16 12.01 16.53 -9.87
N ALA A 17 11.69 17.40 -10.81
CA ALA A 17 12.59 17.70 -11.90
C ALA A 17 12.98 19.15 -11.77
N PHE A 18 14.26 19.45 -11.96
CA PHE A 18 14.72 20.79 -11.60
C PHE A 18 15.89 21.28 -12.41
N LEU A 19 16.09 22.60 -12.33
CA LEU A 19 17.29 23.25 -12.79
C LEU A 19 18.02 23.93 -11.61
N GLU A 20 19.29 23.58 -11.45
CA GLU A 20 20.17 24.16 -10.43
C GLU A 20 21.13 25.15 -11.04
N GLN A 21 21.23 26.33 -10.46
CA GLN A 21 22.19 27.32 -10.96
C GLN A 21 23.08 27.86 -9.84
N GLN A 22 24.37 27.88 -10.10
CA GLN A 22 25.37 28.33 -9.14
C GLN A 22 26.13 29.52 -9.72
N ARG A 23 25.60 30.72 -9.52
CA ARG A 23 26.18 31.92 -10.11
C ARG A 23 27.60 32.22 -9.60
N ASP A 24 27.83 32.00 -8.31
CA ASP A 24 29.16 32.20 -7.70
C ASP A 24 29.26 31.25 -6.49
N PRO A 25 30.44 31.20 -5.83
CA PRO A 25 30.51 30.28 -4.68
C PRO A 25 29.54 30.55 -3.53
N ASP A 26 28.97 31.75 -3.44
CA ASP A 26 28.08 32.03 -2.32
C ASP A 26 26.60 32.02 -2.70
N SER A 27 26.31 31.76 -3.97
CA SER A 27 24.94 31.89 -4.48
C SER A 27 24.44 30.58 -5.10
N TYR A 28 23.28 30.13 -4.65
CA TYR A 28 22.72 28.89 -5.15
C TYR A 28 21.25 29.09 -5.43
N ASN A 29 20.80 28.53 -6.55
CA ASN A 29 19.42 28.66 -6.92
C ASN A 29 18.95 27.34 -7.50
N LYS A 30 17.74 26.92 -7.13
CA LYS A 30 17.13 25.70 -7.65
C LYS A 30 15.68 25.98 -8.05
N HIS A 31 15.34 25.63 -9.28
CA HIS A 31 14.01 25.83 -9.79
C HIS A 31 13.35 24.49 -10.11
N LEU A 32 12.14 24.26 -9.61
CA LEU A 32 11.45 23.00 -9.90
C LEU A 32 10.55 23.12 -11.15
N PHE A 33 10.73 22.22 -12.11
CA PHE A 33 9.83 22.17 -13.25
C PHE A 33 8.53 21.48 -12.88
N VAL A 34 8.65 20.29 -12.29
CA VAL A 34 7.49 19.59 -11.75
C VAL A 34 7.88 18.92 -10.44
N HIS A 35 6.89 18.58 -9.63
CA HIS A 35 7.22 17.88 -8.41
C HIS A 35 6.01 17.15 -7.90
N ILE A 36 6.27 15.98 -7.35
CA ILE A 36 5.24 15.22 -6.70
C ILE A 36 5.71 15.00 -5.29
N GLY A 37 4.78 15.15 -4.37
CA GLY A 37 5.08 14.74 -3.03
C GLY A 37 5.49 15.81 -2.10
N HIS A 38 5.58 17.07 -2.54
CA HIS A 38 5.97 17.99 -1.50
C HIS A 38 4.84 19.04 -1.29
N PRO A 46 -10.29 12.91 -1.72
CA PRO A 46 -9.40 11.89 -1.11
C PRO A 46 -9.26 10.64 -1.98
N LEU A 47 -10.27 10.33 -2.79
CA LEU A 47 -10.18 9.20 -3.72
C LEU A 47 -9.78 9.67 -5.10
N LEU A 48 -8.90 8.93 -5.77
CA LEU A 48 -8.46 9.29 -7.12
C LEU A 48 -9.52 9.03 -8.19
N GLU A 49 -9.65 9.99 -9.13
CA GLU A 49 -10.44 9.78 -10.35
C GLU A 49 -9.77 8.72 -11.21
N SER A 50 -10.51 8.13 -12.13
CA SER A 50 -9.94 7.12 -12.99
C SER A 50 -9.97 7.54 -14.45
N VAL A 51 -9.17 6.88 -15.27
CA VAL A 51 -9.10 7.19 -16.68
C VAL A 51 -9.08 5.90 -17.45
N ASP A 52 -9.96 5.80 -18.46
CA ASP A 52 -9.96 4.70 -19.41
C ASP A 52 -8.63 4.70 -20.13
N ILE A 53 -7.87 3.63 -20.01
CA ILE A 53 -6.52 3.59 -20.61
C ILE A 53 -6.52 3.58 -22.15
N ARG A 54 -7.59 3.09 -22.76
CA ARG A 54 -7.72 3.15 -24.21
C ARG A 54 -7.66 4.59 -24.74
N GLN A 55 -8.03 5.56 -23.91
CA GLN A 55 -7.92 6.97 -24.30
C GLN A 55 -6.49 7.49 -24.46
N ILE A 56 -5.48 6.71 -24.04
CA ILE A 56 -4.08 7.17 -24.12
C ILE A 56 -3.09 6.19 -24.78
N TYR A 57 -3.53 4.98 -25.14
CA TYR A 57 -2.65 4.01 -25.82
C TYR A 57 -1.85 4.60 -27.01
N ASP A 58 -2.46 5.53 -27.74
CA ASP A 58 -1.84 6.12 -28.91
C ASP A 58 -0.73 7.11 -28.55
N LYS A 59 -0.62 7.45 -27.27
N LYS A 59 -0.63 7.43 -27.27
CA LYS A 59 0.36 8.43 -26.83
CA LYS A 59 0.32 8.40 -26.74
C LYS A 59 1.64 7.77 -26.29
C LYS A 59 1.66 7.77 -26.35
N PHE A 60 1.67 6.45 -26.31
CA PHE A 60 2.81 5.69 -25.82
C PHE A 60 3.10 4.52 -26.77
N PRO A 61 4.35 4.05 -26.79
CA PRO A 61 4.76 2.95 -27.66
C PRO A 61 3.91 1.70 -27.46
N GLU A 62 3.46 1.10 -28.56
CA GLU A 62 2.71 -0.13 -28.46
C GLU A 62 3.34 -1.33 -29.17
N LYS A 63 4.67 -1.41 -29.14
CA LYS A 63 5.41 -2.56 -29.65
C LYS A 63 5.46 -3.66 -28.58
N LYS A 64 6.54 -4.44 -28.59
CA LYS A 64 6.77 -5.40 -27.51
C LYS A 64 7.38 -4.71 -26.28
N GLY A 65 6.69 -4.81 -25.15
CA GLY A 65 7.11 -4.16 -23.93
C GLY A 65 6.46 -2.79 -23.77
N GLY A 66 5.48 -2.51 -24.63
CA GLY A 66 4.77 -1.25 -24.60
C GLY A 66 3.71 -1.21 -23.51
N LEU A 67 3.03 -0.06 -23.41
CA LEU A 67 2.05 0.17 -22.36
C LEU A 67 0.89 -0.83 -22.39
N LYS A 68 0.34 -1.09 -23.57
CA LYS A 68 -0.79 -2.01 -23.70
C LYS A 68 -0.39 -3.40 -23.22
N GLU A 69 0.76 -3.88 -23.66
CA GLU A 69 1.26 -5.16 -23.20
C GLU A 69 1.52 -5.17 -21.67
N LEU A 70 2.13 -4.10 -21.17
CA LEU A 70 2.43 -4.04 -19.74
C LEU A 70 1.14 -4.05 -18.95
N PHE A 71 0.17 -3.26 -19.40
CA PHE A 71 -1.11 -3.18 -18.72
C PHE A 71 -1.86 -4.52 -18.72
N GLY A 72 -1.71 -5.29 -19.80
CA GLY A 72 -2.41 -6.56 -19.91
C GLY A 72 -1.83 -7.57 -18.92
N LYS A 73 -0.51 -7.54 -18.80
CA LYS A 73 0.18 -8.40 -17.84
C LYS A 73 -0.17 -8.04 -16.38
N GLY A 74 -0.43 -6.77 -16.13
CA GLY A 74 -0.79 -6.32 -14.78
C GLY A 74 0.39 -6.25 -13.83
N PRO A 75 0.11 -6.01 -12.53
CA PRO A 75 -1.23 -5.80 -11.97
C PRO A 75 -1.74 -4.41 -12.34
N GLN A 76 -3.01 -4.34 -12.71
CA GLN A 76 -3.52 -3.10 -13.28
C GLN A 76 -3.61 -1.97 -12.25
N ASN A 77 -3.58 -2.33 -10.96
CA ASN A 77 -3.62 -1.31 -9.91
C ASN A 77 -2.27 -0.59 -9.78
N ALA A 78 -1.26 -1.03 -10.52
CA ALA A 78 0.07 -0.42 -10.47
C ALA A 78 0.22 0.74 -11.46
N PHE A 79 -0.85 1.01 -12.20
CA PHE A 79 -0.79 1.87 -13.38
C PHE A 79 -1.48 3.20 -13.20
N PHE A 80 -0.76 4.27 -13.47
CA PHE A 80 -1.25 5.62 -13.23
C PHE A 80 -0.97 6.61 -14.38
N LEU A 81 -1.84 7.59 -14.51
CA LEU A 81 -1.67 8.68 -15.46
C LEU A 81 -1.53 9.94 -14.68
N VAL A 82 -0.45 10.67 -14.95
CA VAL A 82 -0.26 11.90 -14.25
C VAL A 82 -0.24 13.03 -15.23
N LYS A 83 -1.10 13.99 -14.98
CA LYS A 83 -1.15 15.19 -15.78
C LYS A 83 -0.39 16.27 -15.05
N PHE A 84 0.66 16.78 -15.68
CA PHE A 84 1.47 17.83 -15.10
C PHE A 84 1.22 19.19 -15.74
N TRP A 85 1.20 20.23 -14.91
CA TRP A 85 1.41 21.60 -15.36
C TRP A 85 2.82 22.01 -14.94
N ALA A 86 3.72 22.05 -15.91
CA ALA A 86 5.13 22.33 -15.67
C ALA A 86 5.41 23.81 -15.44
N ASP A 87 6.29 24.09 -14.48
CA ASP A 87 6.67 25.47 -14.20
C ASP A 87 7.91 25.80 -14.99
N LEU A 88 7.74 26.58 -16.04
CA LEU A 88 8.84 26.98 -16.91
C LEU A 88 9.21 28.45 -16.70
N ASN A 89 8.80 28.99 -15.57
CA ASN A 89 9.12 30.37 -15.21
C ASN A 89 10.49 30.46 -14.54
N CYS A 90 11.57 30.47 -15.31
CA CYS A 90 12.90 30.48 -14.72
C CYS A 90 13.93 31.24 -15.56
N ASN A 91 14.93 31.82 -14.90
CA ASN A 91 15.95 32.60 -15.57
C ASN A 91 17.31 31.91 -15.54
N GLY A 97 26.86 28.40 -13.65
CA GLY A 97 26.93 26.95 -13.63
C GLY A 97 25.55 26.37 -13.51
N ALA A 98 25.12 25.57 -14.48
CA ALA A 98 23.72 25.08 -14.55
C ALA A 98 23.63 23.56 -14.65
N PHE A 99 22.72 22.98 -13.87
CA PHE A 99 22.52 21.53 -13.86
C PHE A 99 21.03 21.18 -13.87
N TYR A 100 20.64 20.39 -14.87
CA TYR A 100 19.29 19.87 -15.02
C TYR A 100 19.21 18.46 -14.47
N GLY A 101 18.32 18.22 -13.52
CA GLY A 101 18.30 16.91 -12.90
C GLY A 101 16.96 16.41 -12.41
N VAL A 102 16.92 15.14 -12.06
CA VAL A 102 15.70 14.56 -11.55
C VAL A 102 16.04 13.81 -10.30
N THR A 103 15.22 14.00 -9.28
CA THR A 103 15.40 13.31 -8.03
C THR A 103 14.10 12.59 -7.69
N SER A 104 14.20 11.35 -7.24
CA SER A 104 12.99 10.60 -6.89
C SER A 104 13.23 9.67 -5.72
N GLN A 105 12.14 9.29 -5.08
CA GLN A 105 12.22 8.41 -3.93
C GLN A 105 11.05 7.45 -3.91
N TYR A 106 11.35 6.18 -3.66
CA TYR A 106 10.33 5.14 -3.60
C TYR A 106 10.45 4.41 -2.27
N GLU A 107 9.38 3.77 -1.83
CA GLU A 107 9.41 2.95 -0.62
C GLU A 107 8.69 1.63 -0.86
N SER A 108 9.10 0.61 -0.12
N SER A 108 9.08 0.60 -0.12
CA SER A 108 8.46 -0.69 -0.18
CA SER A 108 8.46 -0.71 -0.22
C SER A 108 8.55 -1.39 1.16
C SER A 108 8.61 -1.46 1.10
N SER A 109 7.67 -2.37 1.36
CA SER A 109 7.76 -3.21 2.56
C SER A 109 8.70 -4.37 2.30
N GLU A 110 9.01 -4.57 1.03
CA GLU A 110 9.86 -5.69 0.62
C GLU A 110 11.20 -5.19 0.13
N ASN A 111 12.23 -5.99 0.41
CA ASN A 111 13.59 -5.72 -0.02
C ASN A 111 13.77 -6.18 -1.45
N MET A 112 14.04 -5.25 -2.34
CA MET A 112 14.14 -5.60 -3.75
C MET A 112 15.29 -4.87 -4.36
N THR A 113 15.75 -5.38 -5.50
CA THR A 113 16.57 -4.60 -6.40
C THR A 113 15.60 -4.09 -7.44
N VAL A 114 15.63 -2.79 -7.70
CA VAL A 114 14.60 -2.19 -8.52
C VAL A 114 15.20 -1.60 -9.78
N THR A 115 14.48 -1.77 -10.88
CA THR A 115 14.88 -1.23 -12.17
C THR A 115 13.92 -0.11 -12.57
N CYS A 116 14.45 1.09 -12.77
N CYS A 116 14.46 1.08 -12.80
CA CYS A 116 13.63 2.23 -13.14
CA CYS A 116 13.64 2.22 -13.14
C CYS A 116 13.88 2.69 -14.56
C CYS A 116 13.88 2.69 -14.56
N SER A 117 12.85 2.53 -15.40
CA SER A 117 12.92 2.90 -16.80
C SER A 117 12.13 4.16 -17.10
N THR A 118 12.80 5.15 -17.66
CA THR A 118 12.17 6.40 -18.03
C THR A 118 12.27 6.58 -19.50
N LYS A 119 11.13 6.52 -20.20
CA LYS A 119 11.09 6.65 -21.65
C LYS A 119 10.48 7.98 -22.08
N VAL A 120 11.27 8.78 -22.77
CA VAL A 120 10.76 10.00 -23.40
C VAL A 120 10.15 9.60 -24.75
N CYS A 121 8.93 10.02 -24.98
CA CYS A 121 8.19 9.63 -26.17
C CYS A 121 7.71 10.83 -26.93
N SER A 122 7.92 10.83 -28.25
CA SER A 122 7.36 11.85 -29.13
C SER A 122 6.51 11.22 -30.23
N PHE A 123 5.30 11.74 -30.43
CA PHE A 123 4.32 11.14 -31.32
C PHE A 123 4.12 9.66 -30.98
N GLY A 124 4.13 9.35 -29.69
CA GLY A 124 3.87 8.00 -29.22
C GLY A 124 5.00 7.00 -29.46
N LYS A 125 6.16 7.47 -29.89
CA LYS A 125 7.33 6.60 -30.09
C LYS A 125 8.50 6.94 -29.15
N GLN A 126 9.14 5.91 -28.61
CA GLN A 126 10.30 6.09 -27.75
C GLN A 126 11.41 6.76 -28.52
N VAL A 127 11.94 7.84 -27.97
CA VAL A 127 13.08 8.47 -28.59
C VAL A 127 14.30 8.38 -27.65
N VAL A 128 14.04 8.31 -26.36
CA VAL A 128 15.10 8.15 -25.35
C VAL A 128 14.63 7.23 -24.26
N GLU A 129 15.50 6.34 -23.80
CA GLU A 129 15.24 5.60 -22.58
C GLU A 129 16.41 5.73 -21.62
N LYS A 130 16.12 6.16 -20.40
CA LYS A 130 17.09 6.15 -19.32
C LYS A 130 16.78 4.96 -18.43
N VAL A 131 17.80 4.16 -18.12
CA VAL A 131 17.59 3.00 -17.25
C VAL A 131 18.47 3.05 -16.02
N GLU A 132 17.83 3.02 -14.84
CA GLU A 132 18.55 3.10 -13.57
C GLU A 132 18.21 1.94 -12.66
N THR A 133 19.23 1.42 -11.99
CA THR A 133 19.01 0.32 -11.07
C THR A 133 19.20 0.83 -9.66
N GLU A 134 18.25 0.52 -8.78
CA GLU A 134 18.30 1.04 -7.43
C GLU A 134 18.18 -0.04 -6.37
N TYR A 135 18.94 0.15 -5.30
CA TYR A 135 19.00 -0.81 -4.22
C TYR A 135 18.34 -0.22 -3.00
N ALA A 136 17.73 -1.08 -2.19
CA ALA A 136 17.02 -0.64 -1.01
C ALA A 136 17.95 -0.25 0.13
N ARG A 137 17.60 0.82 0.84
CA ARG A 137 18.15 1.07 2.15
C ARG A 137 17.00 0.96 3.15
N PHE A 138 17.23 0.35 4.30
CA PHE A 138 16.22 0.32 5.34
C PHE A 138 16.22 1.63 6.13
N GLU A 139 15.14 2.40 6.01
CA GLU A 139 14.98 3.67 6.72
C GLU A 139 13.61 3.75 7.35
N ASN A 140 13.54 4.15 8.61
CA ASN A 140 12.29 4.44 9.26
C ASN A 140 11.26 3.32 9.09
N GLY A 141 11.73 2.10 9.28
CA GLY A 141 10.89 0.91 9.32
C GLY A 141 10.48 0.28 8.00
N ARG A 142 11.03 0.76 6.89
CA ARG A 142 10.70 0.19 5.58
C ARG A 142 11.88 0.35 4.65
N PHE A 143 11.77 -0.22 3.45
CA PHE A 143 12.82 -0.10 2.45
C PHE A 143 12.61 1.12 1.56
N VAL A 144 13.68 1.88 1.36
CA VAL A 144 13.62 3.14 0.63
C VAL A 144 14.58 3.12 -0.57
N TYR A 145 14.15 3.71 -1.68
CA TYR A 145 14.93 3.79 -2.90
C TYR A 145 15.08 5.25 -3.32
N ARG A 146 16.32 5.72 -3.45
CA ARG A 146 16.54 7.10 -3.82
C ARG A 146 17.36 7.19 -5.08
N ILE A 147 16.90 8.01 -6.01
CA ILE A 147 17.64 8.31 -7.22
C ILE A 147 17.94 9.77 -7.10
N ASN A 148 19.18 10.10 -6.82
CA ASN A 148 19.47 11.46 -6.45
C ASN A 148 20.19 12.19 -7.58
N ARG A 149 19.70 13.38 -7.90
CA ARG A 149 20.28 14.22 -8.93
C ARG A 149 20.62 13.47 -10.21
N SER A 150 19.72 12.61 -10.67
CA SER A 150 19.91 11.97 -11.97
C SER A 150 19.91 13.05 -13.07
N PRO A 151 20.98 13.09 -13.87
CA PRO A 151 21.07 14.16 -14.88
C PRO A 151 20.08 13.97 -16.03
N MET A 152 19.43 15.05 -16.44
CA MET A 152 18.53 15.02 -17.57
C MET A 152 19.34 14.70 -18.83
N CYS A 153 18.81 13.81 -19.68
CA CYS A 153 19.39 13.60 -21.00
C CYS A 153 19.39 14.90 -21.80
N GLU A 154 20.27 14.98 -22.79
CA GLU A 154 20.36 16.15 -23.67
C GLU A 154 19.05 16.49 -24.41
N TYR A 155 18.29 15.47 -24.77
CA TYR A 155 17.02 15.72 -25.48
C TYR A 155 16.10 16.58 -24.63
N MET A 156 15.94 16.22 -23.35
CA MET A 156 15.10 16.99 -22.43
C MET A 156 15.56 18.42 -22.23
N ILE A 157 16.87 18.60 -22.06
CA ILE A 157 17.44 19.93 -21.86
C ILE A 157 17.21 20.82 -23.08
N ASN A 158 17.53 20.29 -24.26
CA ASN A 158 17.27 21.03 -25.50
C ASN A 158 15.76 21.28 -25.69
N PHE A 159 14.94 20.32 -25.27
CA PHE A 159 13.49 20.48 -25.37
C PHE A 159 12.99 21.64 -24.53
N ILE A 160 13.39 21.66 -23.26
CA ILE A 160 13.01 22.78 -22.37
C ILE A 160 13.46 24.12 -22.95
N HIS A 161 14.67 24.18 -23.49
CA HIS A 161 15.15 25.42 -24.09
C HIS A 161 14.26 25.87 -25.26
N LYS A 162 13.97 24.95 -26.18
CA LYS A 162 13.18 25.33 -27.36
C LYS A 162 11.77 25.76 -26.95
N LEU A 163 11.17 25.03 -26.02
CA LEU A 163 9.86 25.37 -25.48
C LEU A 163 9.83 26.80 -24.97
N LYS A 164 10.91 27.18 -24.29
CA LYS A 164 11.01 28.48 -23.67
C LYS A 164 11.17 29.61 -24.68
N HIS A 165 11.73 29.28 -25.84
CA HIS A 165 11.97 30.28 -26.89
C HIS A 165 10.69 30.63 -27.64
N LEU A 166 9.62 29.89 -27.38
CA LEU A 166 8.32 30.12 -28.04
C LEU A 166 7.64 31.36 -27.45
N PRO A 167 7.02 32.17 -28.31
CA PRO A 167 6.39 33.44 -27.93
C PRO A 167 5.28 33.31 -26.89
N GLU A 168 4.38 32.35 -27.08
CA GLU A 168 3.20 32.25 -26.22
C GLU A 168 3.01 30.87 -25.61
N LYS A 169 2.35 30.83 -24.46
CA LYS A 169 2.16 29.60 -23.71
C LYS A 169 1.30 28.59 -24.46
N TYR A 170 0.33 29.06 -25.24
CA TYR A 170 -0.57 28.14 -25.93
C TYR A 170 0.19 27.35 -27.00
N MET A 171 1.20 27.97 -27.60
CA MET A 171 2.05 27.25 -28.57
C MET A 171 2.82 26.13 -27.88
N MET A 172 3.37 26.42 -26.70
CA MET A 172 4.03 25.40 -25.90
C MET A 172 3.10 24.22 -25.65
N ASN A 173 1.86 24.51 -25.29
CA ASN A 173 0.87 23.46 -25.04
C ASN A 173 0.61 22.64 -26.29
N SER A 174 0.62 23.32 -27.44
CA SER A 174 0.37 22.64 -28.70
C SER A 174 1.51 21.67 -28.97
N VAL A 175 2.74 22.11 -28.70
CA VAL A 175 3.89 21.23 -28.86
C VAL A 175 3.80 20.05 -27.90
N LEU A 176 3.39 20.32 -26.67
CA LEU A 176 3.36 19.25 -25.66
C LEU A 176 2.31 18.17 -25.96
N GLU A 177 1.39 18.44 -26.90
CA GLU A 177 0.39 17.45 -27.34
C GLU A 177 1.03 16.14 -27.75
N ASN A 178 2.25 16.23 -28.27
CA ASN A 178 2.92 15.07 -28.84
C ASN A 178 4.06 14.49 -27.99
N PHE A 179 4.19 15.02 -26.79
CA PHE A 179 5.31 14.68 -25.90
C PHE A 179 4.83 14.06 -24.61
N THR A 180 5.30 12.85 -24.35
CA THR A 180 4.94 12.16 -23.12
C THR A 180 6.15 11.46 -22.52
N ILE A 181 6.03 11.11 -21.25
CA ILE A 181 7.07 10.37 -20.56
C ILE A 181 6.42 9.18 -19.90
N LEU A 182 7.04 8.03 -20.05
CA LEU A 182 6.54 6.83 -19.45
C LEU A 182 7.58 6.33 -18.45
N LEU A 183 7.15 6.18 -17.21
CA LEU A 183 8.03 5.72 -16.15
C LEU A 183 7.61 4.33 -15.71
N VAL A 184 8.50 3.36 -15.83
CA VAL A 184 8.16 2.02 -15.37
C VAL A 184 9.16 1.48 -14.37
N VAL A 185 8.67 1.09 -13.20
CA VAL A 185 9.54 0.51 -12.18
C VAL A 185 9.28 -0.97 -12.03
N THR A 186 10.36 -1.74 -12.12
CA THR A 186 10.26 -3.20 -12.21
C THR A 186 11.07 -3.89 -11.12
N ASN A 187 10.50 -4.94 -10.55
CA ASN A 187 11.23 -5.83 -9.67
C ASN A 187 12.27 -6.58 -10.49
N ARG A 188 13.56 -6.35 -10.24
CA ARG A 188 14.59 -6.90 -11.11
C ARG A 188 14.64 -8.45 -11.11
N ASP A 189 14.35 -9.04 -9.96
CA ASP A 189 14.42 -10.47 -9.79
C ASP A 189 13.24 -11.19 -10.46
N THR A 190 12.05 -10.60 -10.40
CA THR A 190 10.84 -11.27 -10.88
C THR A 190 10.27 -10.67 -12.16
N GLN A 191 10.85 -9.56 -12.60
CA GLN A 191 10.36 -8.80 -13.76
C GLN A 191 8.91 -8.30 -13.58
N GLU A 192 8.40 -8.38 -12.36
CA GLU A 192 7.08 -7.88 -12.03
C GLU A 192 7.05 -6.36 -12.14
N THR A 193 5.97 -5.83 -12.73
CA THR A 193 5.76 -4.38 -12.73
C THR A 193 5.34 -3.86 -11.35
N LEU A 194 6.14 -2.97 -10.77
CA LEU A 194 5.82 -2.42 -9.45
C LEU A 194 4.95 -1.18 -9.58
N LEU A 195 5.37 -0.30 -10.48
CA LEU A 195 4.69 0.95 -10.75
C LEU A 195 4.89 1.34 -12.20
N CYS A 196 3.85 1.93 -12.77
CA CYS A 196 3.97 2.53 -14.08
C CYS A 196 3.25 3.86 -14.07
N MET A 197 3.94 4.89 -14.54
CA MET A 197 3.39 6.22 -14.53
C MET A 197 3.42 6.77 -15.94
N ALA A 198 2.25 6.99 -16.52
CA ALA A 198 2.17 7.60 -17.85
C ALA A 198 2.02 9.10 -17.67
N CYS A 199 2.91 9.89 -18.27
CA CYS A 199 2.93 11.35 -18.00
C CYS A 199 2.60 12.25 -19.18
N VAL A 200 1.72 13.21 -18.94
CA VAL A 200 1.31 14.18 -19.93
C VAL A 200 1.50 15.59 -19.38
N PHE A 201 1.87 16.54 -20.24
CA PHE A 201 2.28 17.87 -19.79
C PHE A 201 1.53 19.03 -20.44
N GLU A 202 1.16 20.01 -19.62
CA GLU A 202 0.91 21.36 -20.08
C GLU A 202 1.82 22.32 -19.32
N VAL A 203 1.89 23.56 -19.79
CA VAL A 203 2.67 24.60 -19.14
C VAL A 203 1.79 25.36 -18.16
N SER A 204 2.32 25.57 -16.95
CA SER A 204 1.58 26.24 -15.89
C SER A 204 1.35 27.70 -16.21
N ASN A 205 0.25 28.25 -15.69
CA ASN A 205 -0.04 29.67 -15.82
C ASN A 205 -0.44 30.26 -14.47
N SER A 206 -0.22 29.47 -13.42
CA SER A 206 -0.55 29.83 -12.04
C SER A 206 0.54 30.63 -11.34
N GLU A 207 0.25 31.05 -10.12
CA GLU A 207 1.19 31.81 -9.30
C GLU A 207 1.80 30.94 -8.20
N HIS A 208 1.21 29.75 -8.01
CA HIS A 208 1.79 28.75 -7.10
C HIS A 208 2.73 27.80 -7.87
N GLY A 209 2.82 27.99 -9.19
CA GLY A 209 3.76 27.27 -10.03
C GLY A 209 3.24 25.95 -10.55
N ALA A 210 4.06 24.91 -10.42
CA ALA A 210 3.76 23.57 -10.93
C ALA A 210 2.57 22.94 -10.19
N GLN A 211 1.78 22.19 -10.93
CA GLN A 211 0.61 21.51 -10.37
C GLN A 211 0.51 20.16 -11.02
N HIS A 212 -0.33 19.28 -10.48
CA HIS A 212 -0.53 18.00 -11.13
C HIS A 212 -1.84 17.34 -10.74
N HIS A 213 -2.29 16.40 -11.56
N HIS A 213 -2.30 16.37 -11.52
CA HIS A 213 -3.44 15.56 -11.26
CA HIS A 213 -3.45 15.55 -11.13
C HIS A 213 -3.00 14.10 -11.37
C HIS A 213 -3.11 14.11 -11.41
N ILE A 214 -3.48 13.24 -10.48
CA ILE A 214 -3.16 11.82 -10.57
C ILE A 214 -4.42 11.02 -10.86
N TYR A 215 -4.35 10.14 -11.85
CA TYR A 215 -5.46 9.25 -12.19
C TYR A 215 -5.07 7.79 -12.17
N ARG A 216 -5.99 6.96 -11.70
CA ARG A 216 -5.91 5.53 -11.83
C ARG A 216 -6.20 5.15 -13.28
N LEU A 217 -5.41 4.27 -13.86
CA LEU A 217 -5.70 3.76 -15.19
C LEU A 217 -6.55 2.50 -15.05
N VAL A 218 -7.66 2.45 -15.78
CA VAL A 218 -8.56 1.31 -15.71
C VAL A 218 -8.91 0.79 -17.12
N LYS A 219 -9.39 -0.44 -17.17
CA LYS A 219 -9.49 -1.20 -18.42
C LYS A 219 -10.53 -0.63 -19.39
N ASP A 220 -11.68 -0.19 -18.88
CA ASP A 220 -12.69 0.45 -19.72
C ASP A 220 -13.56 1.46 -18.96
N ARG B 3 9.65 -6.62 10.13
CA ARG B 3 8.19 -6.48 10.25
C ARG B 3 7.45 -7.43 9.29
N SER B 4 7.06 -8.59 9.82
CA SER B 4 6.49 -9.65 8.97
C SER B 4 5.07 -9.33 8.45
N ILE B 5 4.20 -8.86 9.34
CA ILE B 5 2.85 -8.46 8.97
C ILE B 5 2.78 -6.98 8.57
N GLY B 6 2.70 -6.74 7.27
CA GLY B 6 2.58 -5.39 6.79
C GLY B 6 2.64 -5.26 5.28
N THR B 7 2.29 -4.08 4.80
CA THR B 7 2.47 -3.75 3.40
C THR B 7 3.24 -2.43 3.33
N THR B 8 3.44 -1.93 2.12
CA THR B 8 4.11 -0.65 1.92
C THR B 8 3.30 0.47 2.57
N LYS B 9 2.00 0.25 2.77
CA LYS B 9 1.09 1.30 3.23
C LYS B 9 0.92 1.32 4.75
N LEU B 10 1.08 0.16 5.38
CA LEU B 10 0.93 0.05 6.82
C LEU B 10 1.61 -1.24 7.31
N ARG B 11 2.32 -1.13 8.43
CA ARG B 11 3.02 -2.26 9.01
C ARG B 11 2.62 -2.46 10.46
N LEU B 12 2.37 -3.71 10.85
CA LEU B 12 2.18 -4.02 12.25
C LEU B 12 3.56 -4.10 12.88
N VAL B 13 3.78 -3.25 13.87
CA VAL B 13 5.09 -3.16 14.53
C VAL B 13 5.06 -3.97 15.80
N GLU B 14 3.92 -3.95 16.48
CA GLU B 14 3.82 -4.62 17.76
C GLU B 14 2.40 -5.03 18.06
N PHE B 15 2.24 -6.21 18.64
CA PHE B 15 0.94 -6.63 19.12
C PHE B 15 1.14 -7.50 20.35
N SER B 16 0.49 -7.17 21.44
CA SER B 16 0.54 -8.07 22.58
C SER B 16 -0.67 -7.98 23.46
N ALA B 17 -1.10 -9.14 23.93
CA ALA B 17 -2.20 -9.22 24.86
C ALA B 17 -1.60 -9.70 26.16
N PHE B 18 -2.04 -9.12 27.26
CA PHE B 18 -1.35 -9.35 28.51
C PHE B 18 -2.25 -9.26 29.73
N LEU B 19 -1.73 -9.78 30.82
CA LEU B 19 -2.34 -9.60 32.12
C LEU B 19 -1.37 -8.86 33.06
N GLU B 20 -1.86 -7.76 33.64
CA GLU B 20 -1.12 -6.97 34.62
C GLU B 20 -1.66 -7.22 36.00
N GLN B 21 -0.76 -7.48 36.95
CA GLN B 21 -1.11 -7.63 38.36
C GLN B 21 -0.24 -6.75 39.24
N GLN B 22 -0.91 -6.03 40.13
CA GLN B 22 -0.29 -5.10 41.04
C GLN B 22 -0.64 -5.51 42.47
N ARG B 23 0.15 -6.40 43.06
CA ARG B 23 -0.16 -6.91 44.39
C ARG B 23 -0.15 -5.80 45.47
N ASP B 24 0.78 -4.87 45.35
CA ASP B 24 0.92 -3.73 46.28
C ASP B 24 1.62 -2.57 45.57
N PRO B 25 1.74 -1.39 46.20
CA PRO B 25 2.39 -0.30 45.46
C PRO B 25 3.84 -0.59 44.99
N ASP B 26 4.50 -1.60 45.54
CA ASP B 26 5.87 -1.87 45.16
C ASP B 26 6.03 -3.10 44.25
N SER B 27 4.93 -3.78 43.96
CA SER B 27 4.98 -5.04 43.23
C SER B 27 4.17 -4.95 41.96
N TYR B 28 4.82 -5.25 40.86
CA TYR B 28 4.17 -5.20 39.56
C TYR B 28 4.56 -6.41 38.75
N ASN B 29 3.57 -6.98 38.08
CA ASN B 29 3.80 -8.16 37.29
C ASN B 29 3.03 -8.10 35.97
N LYS B 30 3.67 -8.45 34.87
CA LYS B 30 2.97 -8.47 33.59
C LYS B 30 3.23 -9.80 32.89
N HIS B 31 2.15 -10.47 32.50
CA HIS B 31 2.23 -11.74 31.77
C HIS B 31 1.67 -11.59 30.36
N LEU B 32 2.42 -12.03 29.36
CA LEU B 32 1.98 -11.97 27.97
C LEU B 32 1.25 -13.26 27.55
N PHE B 33 0.05 -13.12 26.99
CA PHE B 33 -0.66 -14.26 26.40
C PHE B 33 -0.14 -14.54 24.99
N VAL B 34 -0.12 -13.50 24.17
CA VAL B 34 0.46 -13.59 22.85
C VAL B 34 1.24 -12.30 22.55
N HIS B 35 2.19 -12.38 21.62
CA HIS B 35 2.96 -11.21 21.30
C HIS B 35 3.55 -11.30 19.93
N ILE B 36 3.48 -10.19 19.18
CA ILE B 36 4.13 -10.11 17.89
C ILE B 36 5.03 -8.88 17.87
N GLY B 37 6.20 -9.03 17.29
CA GLY B 37 7.11 -7.92 17.08
C GLY B 37 8.21 -7.91 18.13
N LEU B 47 10.84 -16.18 3.70
CA LEU B 47 9.54 -15.96 3.06
C LEU B 47 8.41 -16.56 3.90
N LEU B 48 7.27 -15.89 3.93
CA LEU B 48 6.11 -16.41 4.65
C LEU B 48 5.51 -17.52 3.83
N GLU B 49 5.04 -18.59 4.48
CA GLU B 49 4.27 -19.60 3.79
C GLU B 49 2.89 -19.01 3.47
N SER B 50 2.20 -19.59 2.50
CA SER B 50 0.90 -19.08 2.11
C SER B 50 -0.18 -20.09 2.47
N VAL B 51 -1.41 -19.61 2.61
CA VAL B 51 -2.54 -20.46 2.92
C VAL B 51 -3.72 -20.10 2.02
N ASP B 52 -4.28 -21.12 1.38
CA ASP B 52 -5.52 -20.98 0.58
C ASP B 52 -6.60 -20.49 1.49
N ILE B 53 -7.14 -19.30 1.21
CA ILE B 53 -8.10 -18.68 2.12
C ILE B 53 -9.42 -19.47 2.17
N ARG B 54 -9.71 -20.19 1.10
CA ARG B 54 -10.88 -21.06 1.09
C ARG B 54 -10.86 -22.06 2.25
N GLN B 55 -9.67 -22.42 2.72
CA GLN B 55 -9.53 -23.33 3.87
C GLN B 55 -10.01 -22.75 5.22
N ILE B 56 -10.24 -21.45 5.30
CA ILE B 56 -10.61 -20.88 6.60
C ILE B 56 -11.87 -20.01 6.59
N TYR B 57 -12.44 -19.78 5.41
CA TYR B 57 -13.66 -18.96 5.26
C TYR B 57 -14.76 -19.30 6.27
N ASP B 58 -14.90 -20.59 6.58
CA ASP B 58 -16.01 -21.04 7.41
C ASP B 58 -15.83 -20.69 8.89
N LYS B 59 -14.64 -20.24 9.28
CA LYS B 59 -14.39 -19.91 10.68
C LYS B 59 -14.65 -18.42 10.93
N PHE B 60 -15.09 -17.70 9.90
CA PHE B 60 -15.34 -16.27 9.99
C PHE B 60 -16.64 -15.92 9.26
N PRO B 61 -17.33 -14.86 9.73
CA PRO B 61 -18.63 -14.42 9.18
C PRO B 61 -18.64 -14.15 7.68
N GLU B 62 -19.68 -14.62 6.99
CA GLU B 62 -19.88 -14.31 5.58
C GLU B 62 -21.10 -13.41 5.43
N LYS B 63 -21.26 -12.45 6.32
CA LYS B 63 -22.30 -11.46 6.18
C LYS B 63 -21.83 -10.36 5.23
N LYS B 64 -22.40 -9.17 5.35
CA LYS B 64 -21.91 -8.00 4.63
C LYS B 64 -20.74 -7.40 5.39
N GLY B 65 -19.60 -7.27 4.73
CA GLY B 65 -18.40 -6.75 5.39
C GLY B 65 -17.54 -7.87 5.95
N GLY B 66 -17.86 -9.10 5.59
CA GLY B 66 -17.14 -10.28 6.07
C GLY B 66 -15.83 -10.54 5.35
N LEU B 67 -15.12 -11.57 5.80
CA LEU B 67 -13.78 -11.88 5.30
C LEU B 67 -13.76 -12.13 3.80
N LYS B 68 -14.70 -12.97 3.33
CA LYS B 68 -14.77 -13.29 1.91
C LYS B 68 -14.98 -12.02 1.07
N GLU B 69 -15.91 -11.19 1.51
CA GLU B 69 -16.16 -9.93 0.82
C GLU B 69 -14.91 -9.03 0.88
N LEU B 70 -14.29 -8.92 2.05
CA LEU B 70 -13.10 -8.06 2.19
C LEU B 70 -11.96 -8.54 1.29
N PHE B 71 -11.74 -9.85 1.27
CA PHE B 71 -10.68 -10.40 0.46
C PHE B 71 -10.91 -10.22 -1.04
N GLY B 72 -12.17 -10.30 -1.47
CA GLY B 72 -12.49 -10.21 -2.89
C GLY B 72 -12.22 -8.79 -3.31
N LYS B 73 -12.54 -7.87 -2.42
CA LYS B 73 -12.28 -6.46 -2.65
C LYS B 73 -10.77 -6.18 -2.64
N GLY B 74 -10.01 -6.88 -1.81
CA GLY B 74 -8.57 -6.70 -1.79
C GLY B 74 -8.07 -5.43 -1.09
N PRO B 75 -6.77 -5.13 -1.21
CA PRO B 75 -5.75 -5.89 -1.95
C PRO B 75 -5.32 -7.14 -1.17
N GLN B 76 -5.13 -8.25 -1.88
CA GLN B 76 -4.93 -9.54 -1.25
C GLN B 76 -3.59 -9.61 -0.45
N ASN B 77 -2.68 -8.69 -0.72
CA ASN B 77 -1.43 -8.61 0.02
C ASN B 77 -1.58 -8.10 1.45
N ALA B 78 -2.75 -7.58 1.79
CA ALA B 78 -2.96 -7.05 3.12
C ALA B 78 -3.49 -8.10 4.07
N PHE B 79 -3.65 -9.32 3.56
CA PHE B 79 -4.39 -10.34 4.28
C PHE B 79 -3.50 -11.43 4.82
N PHE B 80 -3.66 -11.69 6.10
CA PHE B 80 -2.79 -12.62 6.78
C PHE B 80 -3.54 -13.54 7.68
N LEU B 81 -2.95 -14.71 7.84
CA LEU B 81 -3.43 -15.68 8.79
C LEU B 81 -2.34 -15.85 9.83
N VAL B 82 -2.71 -15.70 11.09
CA VAL B 82 -1.76 -15.91 12.18
C VAL B 82 -2.25 -17.00 13.09
N LYS B 83 -1.43 -18.01 13.26
CA LYS B 83 -1.71 -19.09 14.19
C LYS B 83 -0.93 -18.81 15.47
N PHE B 84 -1.64 -18.65 16.59
CA PHE B 84 -1.01 -18.36 17.87
C PHE B 84 -1.01 -19.59 18.74
N TRP B 85 0.08 -19.77 19.49
CA TRP B 85 0.06 -20.62 20.67
C TRP B 85 0.10 -19.72 21.91
N ALA B 86 -1.04 -19.62 22.59
CA ALA B 86 -1.22 -18.71 23.70
C ALA B 86 -0.63 -19.26 25.02
N ASP B 87 0.01 -18.37 25.75
CA ASP B 87 0.61 -18.73 27.04
C ASP B 87 -0.39 -18.47 28.15
N LEU B 88 -0.93 -19.54 28.69
CA LEU B 88 -1.90 -19.43 29.76
C LEU B 88 -1.28 -19.87 31.10
N ASN B 89 0.05 -19.88 31.16
CA ASN B 89 0.75 -20.19 32.41
C ASN B 89 0.88 -18.95 33.27
N CYS B 90 -0.18 -18.62 33.99
CA CYS B 90 -0.18 -17.42 34.83
C CYS B 90 -1.07 -17.66 36.06
N ASN B 91 -0.72 -17.02 37.18
CA ASN B 91 -1.48 -17.18 38.42
C ASN B 91 -2.18 -15.89 38.85
N GLY B 97 -5.04 -6.58 42.35
CA GLY B 97 -5.39 -5.60 41.33
C GLY B 97 -4.94 -6.11 39.97
N ALA B 98 -5.89 -6.30 39.06
CA ALA B 98 -5.65 -6.98 37.79
C ALA B 98 -6.16 -6.19 36.58
N PHE B 99 -5.36 -6.16 35.53
CA PHE B 99 -5.78 -5.53 34.29
C PHE B 99 -5.46 -6.41 33.08
N TYR B 100 -6.48 -6.76 32.32
CA TYR B 100 -6.31 -7.47 31.05
C TYR B 100 -6.34 -6.48 29.92
N GLY B 101 -5.29 -6.46 29.10
CA GLY B 101 -5.25 -5.45 28.09
C GLY B 101 -4.56 -5.88 26.82
N VAL B 102 -4.71 -5.06 25.79
CA VAL B 102 -4.06 -5.29 24.54
C VAL B 102 -3.41 -4.01 24.06
N THR B 103 -2.18 -4.11 23.58
CA THR B 103 -1.45 -2.97 23.06
C THR B 103 -0.95 -3.30 21.68
N SER B 104 -1.12 -2.37 20.74
CA SER B 104 -0.67 -2.59 19.38
C SER B 104 -0.16 -1.32 18.74
N GLN B 105 0.73 -1.46 17.76
CA GLN B 105 1.28 -0.32 17.09
C GLN B 105 1.51 -0.61 15.64
N TYR B 106 1.11 0.35 14.83
CA TYR B 106 1.20 0.29 13.38
C TYR B 106 1.97 1.52 12.93
N GLU B 107 2.64 1.43 11.79
N GLU B 107 2.64 1.43 11.79
CA GLU B 107 3.37 2.58 11.27
CA GLU B 107 3.37 2.57 11.26
C GLU B 107 3.19 2.71 9.75
C GLU B 107 3.10 2.72 9.76
N SER B 108 3.26 3.95 9.27
CA SER B 108 3.16 4.24 7.85
C SER B 108 3.97 5.48 7.56
N SER B 109 4.36 5.69 6.31
CA SER B 109 4.98 6.96 5.93
C SER B 109 3.88 7.96 5.58
N GLU B 110 2.63 7.50 5.54
CA GLU B 110 1.51 8.36 5.18
C GLU B 110 0.65 8.75 6.39
N ASN B 111 0.09 9.95 6.33
CA ASN B 111 -0.81 10.46 7.35
C ASN B 111 -2.25 10.03 7.03
N MET B 112 -2.85 9.23 7.90
CA MET B 112 -4.17 8.66 7.67
C MET B 112 -4.99 8.70 8.93
N THR B 113 -6.29 8.56 8.80
CA THR B 113 -7.07 8.15 9.95
C THR B 113 -7.33 6.64 9.83
N VAL B 114 -6.99 5.87 10.85
CA VAL B 114 -7.13 4.41 10.74
C VAL B 114 -8.05 3.84 11.81
N THR B 115 -8.82 2.87 11.36
CA THR B 115 -9.78 2.18 12.17
C THR B 115 -9.34 0.75 12.39
N CYS B 116 -9.24 0.35 13.66
N CYS B 116 -9.23 0.35 13.65
CA CYS B 116 -8.87 -1.01 13.98
CA CYS B 116 -8.95 -1.05 13.96
C CYS B 116 -10.09 -1.73 14.54
C CYS B 116 -10.18 -1.72 14.53
N SER B 117 -10.58 -2.69 13.78
N SER B 117 -10.72 -2.66 13.77
CA SER B 117 -11.75 -3.47 14.14
CA SER B 117 -11.87 -3.43 14.21
C SER B 117 -11.34 -4.86 14.60
C SER B 117 -11.45 -4.85 14.58
N THR B 118 -11.73 -5.21 15.82
CA THR B 118 -11.41 -6.52 16.34
C THR B 118 -12.68 -7.32 16.52
N LYS B 119 -12.86 -8.36 15.70
CA LYS B 119 -14.07 -9.18 15.80
C LYS B 119 -13.76 -10.50 16.48
N VAL B 120 -14.34 -10.73 17.64
CA VAL B 120 -14.23 -12.01 18.30
C VAL B 120 -15.30 -12.93 17.73
N CYS B 121 -14.93 -14.13 17.29
CA CYS B 121 -15.91 -15.04 16.66
C CYS B 121 -15.98 -16.42 17.30
N SER B 122 -17.19 -16.89 17.57
CA SER B 122 -17.39 -18.28 18.00
C SER B 122 -18.29 -18.99 17.00
N PHE B 123 -17.85 -20.17 16.56
CA PHE B 123 -18.53 -20.92 15.52
C PHE B 123 -18.75 -20.05 14.28
N GLY B 124 -17.77 -19.19 13.98
CA GLY B 124 -17.82 -18.38 12.77
C GLY B 124 -18.81 -17.23 12.79
N LYS B 125 -19.33 -16.90 13.97
CA LYS B 125 -20.24 -15.76 14.10
C LYS B 125 -19.61 -14.69 15.02
N GLN B 126 -19.73 -13.43 14.61
CA GLN B 126 -19.25 -12.33 15.44
C GLN B 126 -20.05 -12.25 16.72
N VAL B 127 -19.38 -12.32 17.86
CA VAL B 127 -20.08 -12.22 19.12
C VAL B 127 -19.68 -10.91 19.86
N VAL B 128 -18.50 -10.36 19.55
CA VAL B 128 -18.06 -9.06 20.08
C VAL B 128 -17.27 -8.30 19.02
N GLU B 129 -17.52 -6.99 18.88
CA GLU B 129 -16.65 -6.16 18.07
C GLU B 129 -16.18 -4.92 18.83
N LYS B 130 -14.86 -4.72 18.86
CA LYS B 130 -14.28 -3.47 19.34
C LYS B 130 -13.81 -2.66 18.13
N VAL B 131 -14.20 -1.40 18.06
CA VAL B 131 -13.75 -0.54 16.98
C VAL B 131 -12.95 0.62 17.58
N GLU B 132 -11.70 0.75 17.15
CA GLU B 132 -10.83 1.78 17.67
C GLU B 132 -10.33 2.62 16.51
N THR B 133 -10.41 3.92 16.69
CA THR B 133 -9.97 4.88 15.70
C THR B 133 -8.72 5.58 16.23
N GLU B 134 -7.69 5.68 15.39
CA GLU B 134 -6.43 6.30 15.78
C GLU B 134 -5.97 7.29 14.74
N TYR B 135 -5.38 8.36 15.22
CA TYR B 135 -4.82 9.38 14.35
C TYR B 135 -3.32 9.26 14.45
N ALA B 136 -2.64 9.65 13.40
CA ALA B 136 -1.20 9.48 13.37
C ALA B 136 -0.49 10.37 14.39
N ARG B 137 0.58 9.84 14.96
CA ARG B 137 1.58 10.67 15.61
C ARG B 137 2.85 10.55 14.77
N PHE B 138 3.48 11.68 14.45
CA PHE B 138 4.77 11.65 13.78
C PHE B 138 5.91 11.48 14.81
N GLU B 139 6.51 10.29 14.79
CA GLU B 139 7.59 9.88 15.68
C GLU B 139 8.64 9.18 14.86
N ASN B 140 9.91 9.46 15.15
CA ASN B 140 11.02 8.75 14.56
C ASN B 140 10.97 8.66 13.06
N GLY B 141 10.61 9.77 12.41
CA GLY B 141 10.67 9.82 10.96
C GLY B 141 9.51 9.14 10.23
N ARG B 142 8.49 8.73 10.96
CA ARG B 142 7.32 8.10 10.35
C ARG B 142 6.06 8.42 11.11
N PHE B 143 4.92 8.02 10.56
CA PHE B 143 3.66 8.14 11.27
C PHE B 143 3.37 6.87 12.04
N VAL B 144 2.97 7.05 13.29
CA VAL B 144 2.72 5.97 14.22
C VAL B 144 1.28 6.00 14.66
N TYR B 145 0.65 4.83 14.67
CA TYR B 145 -0.70 4.68 15.15
C TYR B 145 -0.57 3.67 16.27
N ARG B 146 -0.82 4.12 17.48
N ARG B 146 -0.82 4.12 17.49
CA ARG B 146 -0.61 3.27 18.64
CA ARG B 146 -0.56 3.30 18.67
C ARG B 146 -1.90 3.13 19.40
C ARG B 146 -1.80 3.14 19.53
N ILE B 147 -2.21 1.90 19.76
CA ILE B 147 -3.36 1.62 20.60
C ILE B 147 -2.81 1.08 21.92
N ASN B 148 -2.88 1.91 22.96
CA ASN B 148 -2.18 1.61 24.19
C ASN B 148 -3.10 1.07 25.26
N ARG B 149 -2.69 -0.05 25.84
CA ARG B 149 -3.40 -0.68 26.94
C ARG B 149 -4.94 -0.72 26.76
N SER B 150 -5.39 -1.05 25.55
CA SER B 150 -6.81 -1.26 25.32
C SER B 150 -7.28 -2.42 26.18
N PRO B 151 -8.31 -2.19 27.01
CA PRO B 151 -8.79 -3.23 27.92
C PRO B 151 -9.59 -4.36 27.23
N MET B 152 -9.34 -5.59 27.66
CA MET B 152 -10.09 -6.71 27.12
C MET B 152 -11.56 -6.64 27.44
N CYS B 153 -12.35 -7.08 26.46
CA CYS B 153 -13.76 -7.35 26.60
C CYS B 153 -13.98 -8.24 27.80
N GLU B 154 -15.11 -8.09 28.49
CA GLU B 154 -15.45 -9.01 29.57
C GLU B 154 -15.56 -10.45 29.01
N TYR B 155 -15.93 -10.55 27.72
CA TYR B 155 -16.05 -11.85 27.05
C TYR B 155 -14.71 -12.57 27.01
N MET B 156 -13.68 -11.86 26.55
CA MET B 156 -12.35 -12.44 26.47
C MET B 156 -11.81 -12.83 27.85
N ILE B 157 -12.07 -12.00 28.85
CA ILE B 157 -11.59 -12.28 30.19
C ILE B 157 -12.23 -13.53 30.77
N ASN B 158 -13.55 -13.65 30.67
CA ASN B 158 -14.24 -14.86 31.13
C ASN B 158 -13.77 -16.09 30.38
N PHE B 159 -13.47 -15.90 29.10
CA PHE B 159 -13.01 -16.98 28.25
C PHE B 159 -11.67 -17.55 28.74
N ILE B 160 -10.72 -16.66 28.99
CA ILE B 160 -9.42 -17.07 29.49
C ILE B 160 -9.58 -17.82 30.80
N HIS B 161 -10.43 -17.29 31.67
CA HIS B 161 -10.66 -17.91 32.96
C HIS B 161 -11.23 -19.32 32.82
N LYS B 162 -12.26 -19.47 32.00
CA LYS B 162 -12.90 -20.76 31.82
C LYS B 162 -11.95 -21.75 31.13
N LEU B 163 -11.16 -21.28 30.17
CA LEU B 163 -10.15 -22.14 29.55
C LEU B 163 -9.19 -22.74 30.57
N LYS B 164 -8.79 -21.90 31.53
CA LYS B 164 -7.80 -22.29 32.54
C LYS B 164 -8.35 -23.29 33.57
N HIS B 165 -9.66 -23.27 33.78
CA HIS B 165 -10.30 -24.19 34.73
C HIS B 165 -10.43 -25.61 34.16
N LEU B 166 -10.10 -25.77 32.87
CA LEU B 166 -10.12 -27.09 32.24
C LEU B 166 -8.92 -27.94 32.65
N PRO B 167 -9.16 -29.22 32.94
CA PRO B 167 -8.15 -30.17 33.47
C PRO B 167 -6.93 -30.34 32.58
N GLU B 168 -7.14 -30.50 31.27
CA GLU B 168 -6.04 -30.82 30.37
C GLU B 168 -5.97 -29.84 29.19
N LYS B 169 -4.77 -29.69 28.64
CA LYS B 169 -4.54 -28.73 27.57
C LYS B 169 -5.30 -29.09 26.28
N TYR B 170 -5.44 -30.39 26.00
CA TYR B 170 -6.04 -30.80 24.74
C TYR B 170 -7.53 -30.44 24.72
N MET B 171 -8.15 -30.43 25.88
CA MET B 171 -9.52 -29.98 25.97
C MET B 171 -9.60 -28.51 25.57
N MET B 172 -8.70 -27.70 26.13
CA MET B 172 -8.63 -26.29 25.79
C MET B 172 -8.51 -26.10 24.29
N ASN B 173 -7.63 -26.87 23.66
CA ASN B 173 -7.45 -26.78 22.23
C ASN B 173 -8.75 -27.13 21.51
N SER B 174 -9.47 -28.10 22.04
CA SER B 174 -10.73 -28.50 21.41
C SER B 174 -11.72 -27.37 21.52
N VAL B 175 -11.72 -26.70 22.66
CA VAL B 175 -12.61 -25.57 22.82
C VAL B 175 -12.21 -24.50 21.81
N LEU B 176 -10.91 -24.25 21.69
CA LEU B 176 -10.44 -23.17 20.81
C LEU B 176 -10.67 -23.45 19.33
N GLU B 177 -11.04 -24.68 19.00
CA GLU B 177 -11.34 -25.08 17.64
C GLU B 177 -12.38 -24.16 16.97
N ASN B 178 -13.30 -23.68 17.80
CA ASN B 178 -14.44 -22.91 17.37
C ASN B 178 -14.35 -21.42 17.70
N PHE B 179 -13.14 -20.97 18.07
CA PHE B 179 -12.92 -19.59 18.49
C PHE B 179 -11.89 -18.93 17.57
N THR B 180 -12.28 -17.83 16.93
CA THR B 180 -11.33 -17.10 16.10
C THR B 180 -11.46 -15.61 16.33
N ILE B 181 -10.45 -14.85 15.89
CA ILE B 181 -10.49 -13.39 15.95
C ILE B 181 -10.11 -12.82 14.61
N LEU B 182 -10.90 -11.87 14.11
CA LEU B 182 -10.59 -11.21 12.85
C LEU B 182 -10.23 -9.76 13.13
N LEU B 183 -9.07 -9.36 12.66
CA LEU B 183 -8.57 -8.01 12.90
C LEU B 183 -8.51 -7.30 11.56
N VAL B 184 -9.25 -6.22 11.44
CA VAL B 184 -9.29 -5.51 10.17
C VAL B 184 -8.86 -4.07 10.40
N VAL B 185 -7.81 -3.65 9.71
CA VAL B 185 -7.34 -2.29 9.85
C VAL B 185 -7.63 -1.56 8.57
N THR B 186 -8.30 -0.42 8.69
CA THR B 186 -8.84 0.33 7.56
C THR B 186 -8.46 1.81 7.52
N ASN B 187 -8.17 2.31 6.32
CA ASN B 187 -8.13 3.76 6.09
C ASN B 187 -9.56 4.28 6.18
N ARG B 188 -9.89 5.01 7.23
CA ARG B 188 -11.28 5.40 7.47
C ARG B 188 -11.84 6.28 6.38
N ASP B 189 -11.00 7.17 5.83
CA ASP B 189 -11.44 8.11 4.80
C ASP B 189 -11.66 7.43 3.47
N THR B 190 -10.87 6.41 3.14
CA THR B 190 -10.98 5.83 1.81
C THR B 190 -11.63 4.46 1.85
N GLN B 191 -11.90 3.95 3.05
CA GLN B 191 -12.43 2.60 3.27
C GLN B 191 -11.53 1.48 2.74
N GLU B 192 -10.30 1.80 2.37
CA GLU B 192 -9.37 0.78 1.91
C GLU B 192 -8.94 -0.12 3.08
N THR B 193 -8.88 -1.43 2.84
CA THR B 193 -8.32 -2.34 3.83
C THR B 193 -6.80 -2.20 3.85
N LEU B 194 -6.25 -1.82 5.00
CA LEU B 194 -4.79 -1.65 5.12
C LEU B 194 -4.15 -2.96 5.50
N LEU B 195 -4.72 -3.63 6.48
CA LEU B 195 -4.21 -4.90 6.93
C LEU B 195 -5.39 -5.71 7.41
N CYS B 196 -5.36 -7.02 7.18
CA CYS B 196 -6.34 -7.90 7.80
C CYS B 196 -5.65 -9.14 8.35
N MET B 197 -5.96 -9.48 9.58
CA MET B 197 -5.34 -10.62 10.23
C MET B 197 -6.40 -11.57 10.77
N ALA B 198 -6.44 -12.77 10.20
CA ALA B 198 -7.35 -13.78 10.74
C ALA B 198 -6.58 -14.59 11.77
N CYS B 199 -7.09 -14.65 12.99
CA CYS B 199 -6.32 -15.28 14.05
C CYS B 199 -6.95 -16.56 14.60
N VAL B 200 -6.16 -17.61 14.66
CA VAL B 200 -6.62 -18.85 15.28
C VAL B 200 -5.62 -19.30 16.35
N PHE B 201 -6.14 -19.93 17.40
CA PHE B 201 -5.39 -20.17 18.62
C PHE B 201 -5.34 -21.62 19.03
N GLU B 202 -4.17 -22.04 19.50
CA GLU B 202 -4.02 -23.18 20.40
C GLU B 202 -3.34 -22.69 21.70
N VAL B 203 -3.34 -23.53 22.72
CA VAL B 203 -2.66 -23.25 23.98
C VAL B 203 -1.22 -23.77 23.89
N SER B 204 -0.28 -22.96 24.36
CA SER B 204 1.14 -23.27 24.29
C SER B 204 1.59 -24.43 25.19
N ASN B 205 2.63 -25.15 24.76
CA ASN B 205 3.24 -26.16 25.61
C ASN B 205 4.78 -26.09 25.65
N SER B 206 5.35 -24.99 25.17
CA SER B 206 6.79 -24.79 25.20
C SER B 206 7.22 -24.19 26.54
N GLY B 209 7.60 -20.07 25.87
CA GLY B 209 6.23 -19.66 26.10
C GLY B 209 5.40 -19.52 24.84
N ALA B 210 4.72 -18.40 24.70
CA ALA B 210 3.83 -18.14 23.58
C ALA B 210 4.58 -18.12 22.26
N GLN B 211 3.95 -18.59 21.19
CA GLN B 211 4.58 -18.62 19.87
C GLN B 211 3.55 -18.35 18.79
N HIS B 212 4.03 -18.11 17.57
CA HIS B 212 3.13 -17.90 16.46
C HIS B 212 3.77 -18.22 15.11
N HIS B 213 2.91 -18.47 14.12
CA HIS B 213 3.29 -18.62 12.71
C HIS B 213 2.45 -17.63 11.93
N ILE B 214 3.05 -17.00 10.93
CA ILE B 214 2.34 -16.06 10.09
C ILE B 214 2.27 -16.56 8.65
N TYR B 215 1.08 -16.52 8.05
CA TYR B 215 0.91 -16.92 6.65
C TYR B 215 0.27 -15.80 5.84
N ARG B 216 0.68 -15.68 4.58
CA ARG B 216 -0.07 -14.89 3.62
C ARG B 216 -1.32 -15.64 3.18
N LEU B 217 -2.46 -14.96 3.19
CA LEU B 217 -3.70 -15.56 2.66
C LEU B 217 -3.79 -15.31 1.18
N VAL B 218 -4.04 -16.37 0.42
CA VAL B 218 -4.07 -16.32 -1.03
C VAL B 218 -5.31 -17.01 -1.67
N LYS B 219 -5.58 -16.68 -2.92
CA LYS B 219 -6.85 -16.98 -3.59
C LYS B 219 -7.06 -18.46 -3.91
N ASP B 220 -6.01 -19.13 -4.38
CA ASP B 220 -6.10 -20.55 -4.71
C ASP B 220 -4.76 -21.27 -4.44
N ALA C 28 -7.24 13.07 20.80
CA ALA C 28 -7.00 11.93 19.94
C ALA C 28 -7.37 10.62 20.63
N GLY C 29 -7.86 9.65 19.86
CA GLY C 29 -8.20 8.32 20.36
C GLY C 29 -9.69 8.08 20.57
N HIS C 30 -10.23 7.00 20.00
CA HIS C 30 -11.65 6.62 20.18
C HIS C 30 -11.81 5.10 20.24
N GLN C 31 -12.66 4.62 21.15
CA GLN C 31 -12.99 3.19 21.19
C GLN C 31 -14.48 2.98 21.42
N ILE C 32 -15.06 2.06 20.66
CA ILE C 32 -16.43 1.64 20.89
C ILE C 32 -16.51 0.10 20.87
N VAL C 33 -17.30 -0.46 21.77
CA VAL C 33 -17.37 -1.92 21.89
C VAL C 33 -18.81 -2.41 21.75
N HIS C 34 -19.03 -3.22 20.73
CA HIS C 34 -20.34 -3.79 20.43
C HIS C 34 -20.46 -5.24 20.85
N VAL C 35 -21.19 -5.50 21.94
CA VAL C 35 -21.48 -6.86 22.32
C VAL C 35 -22.72 -7.24 21.53
N ARG C 36 -22.57 -8.22 20.63
CA ARG C 36 -23.61 -8.54 19.65
C ARG C 36 -24.84 -9.30 20.19
N GLY C 37 -24.65 -10.14 21.20
CA GLY C 37 -25.78 -10.90 21.70
C GLY C 37 -25.68 -11.31 23.15
N ASP C 38 -26.13 -12.54 23.42
CA ASP C 38 -26.12 -13.10 24.77
C ASP C 38 -24.79 -13.81 24.99
N SER C 39 -23.79 -13.02 25.33
CA SER C 39 -22.41 -13.48 25.38
C SER C 39 -22.14 -14.55 26.45
N GLU C 40 -22.83 -14.45 27.58
CA GLU C 40 -22.66 -15.47 28.62
C GLU C 40 -23.12 -16.82 28.09
N THR C 41 -24.32 -16.86 27.52
CA THR C 41 -24.86 -18.06 26.91
C THR C 41 -23.94 -18.61 25.82
N ASP C 42 -23.47 -17.73 24.96
CA ASP C 42 -22.60 -18.13 23.86
C ASP C 42 -21.29 -18.77 24.36
N LEU C 43 -20.71 -18.21 25.41
CA LEU C 43 -19.47 -18.72 25.98
C LEU C 43 -19.64 -20.12 26.56
N GLU C 44 -20.77 -20.35 27.22
CA GLU C 44 -21.07 -21.67 27.76
C GLU C 44 -21.16 -22.68 26.63
N ALA C 45 -21.75 -22.27 25.50
CA ALA C 45 -21.89 -23.12 24.33
C ALA C 45 -20.53 -23.51 23.73
N LEU C 46 -19.57 -22.61 23.86
CA LEU C 46 -18.21 -22.83 23.38
C LEU C 46 -17.58 -24.03 24.10
N PHE C 47 -17.93 -24.18 25.37
CA PHE C 47 -17.38 -25.23 26.20
C PHE C 47 -18.22 -26.53 26.15
N ASN C 48 -19.54 -26.41 26.08
CA ASN C 48 -20.36 -27.62 26.04
C ASN C 48 -20.22 -28.38 24.74
N ALA C 49 -19.76 -27.70 23.69
CA ALA C 49 -19.45 -28.36 22.43
C ALA C 49 -18.38 -29.42 22.63
N VAL C 50 -17.56 -29.23 23.64
CA VAL C 50 -16.46 -30.15 23.92
C VAL C 50 -16.72 -30.96 25.19
N MET C 51 -17.39 -30.37 26.16
CA MET C 51 -17.68 -31.09 27.40
C MET C 51 -18.91 -32.00 27.29
N ASN C 52 -19.87 -31.60 26.46
CA ASN C 52 -21.12 -32.34 26.29
C ASN C 52 -21.43 -32.51 24.80
N PRO C 53 -20.56 -33.24 24.07
CA PRO C 53 -20.61 -33.24 22.61
C PRO C 53 -21.92 -33.80 22.03
N LYS C 54 -22.50 -34.80 22.69
CA LYS C 54 -23.74 -35.41 22.24
C LYS C 54 -24.97 -34.60 22.68
N THR C 55 -24.78 -33.74 23.68
CA THR C 55 -25.87 -32.97 24.29
C THR C 55 -26.00 -31.58 23.67
N ALA C 56 -24.89 -31.04 23.19
CA ALA C 56 -24.84 -29.69 22.64
C ALA C 56 -25.39 -29.61 21.23
N ASN C 57 -26.21 -28.59 20.99
CA ASN C 57 -26.70 -28.32 19.64
C ASN C 57 -25.88 -27.20 19.03
N VAL C 58 -24.69 -27.55 18.53
CA VAL C 58 -23.78 -26.59 17.95
C VAL C 58 -23.35 -27.05 16.58
N PRO C 59 -22.93 -26.10 15.73
CA PRO C 59 -22.39 -26.46 14.41
C PRO C 59 -21.18 -27.37 14.54
N GLN C 60 -20.85 -28.04 13.45
CA GLN C 60 -19.68 -28.89 13.44
C GLN C 60 -18.73 -28.38 12.37
N THR C 61 -17.47 -28.76 12.45
CA THR C 61 -16.44 -28.21 11.57
C THR C 61 -15.37 -29.27 11.40
N VAL C 62 -14.69 -29.26 10.27
CA VAL C 62 -13.45 -30.02 10.12
C VAL C 62 -12.35 -29.47 11.05
N PRO C 63 -11.73 -30.32 11.87
CA PRO C 63 -10.64 -29.86 12.73
C PRO C 63 -9.51 -29.23 11.94
N MET C 64 -9.01 -28.08 12.42
CA MET C 64 -7.96 -27.33 11.75
C MET C 64 -6.75 -28.20 11.41
N CYS C 65 -6.38 -29.08 12.32
CA CYS C 65 -5.22 -29.93 12.08
C CYS C 65 -5.48 -31.04 11.02
N LEU C 66 -6.72 -31.13 10.55
CA LEU C 66 -7.02 -32.15 9.53
C LEU C 66 -7.26 -31.51 8.19
N ARG C 67 -7.04 -30.21 8.11
CA ARG C 67 -7.32 -29.47 6.89
C ARG C 67 -6.07 -29.38 6.04
N LYS C 68 -6.24 -28.95 4.78
CA LYS C 68 -5.13 -28.78 3.87
C LYS C 68 -4.45 -27.45 4.15
N LEU C 69 -3.58 -27.46 5.16
CA LEU C 69 -2.81 -26.30 5.62
C LEU C 69 -1.36 -26.73 5.73
N PRO C 70 -0.43 -25.78 5.72
CA PRO C 70 0.98 -26.14 5.90
C PRO C 70 1.22 -27.07 7.08
N ALA C 71 2.22 -27.91 6.97
CA ALA C 71 2.53 -28.83 8.04
C ALA C 71 2.92 -28.07 9.32
N SER C 72 3.46 -26.87 9.18
CA SER C 72 3.82 -26.07 10.36
C SER C 72 2.62 -25.65 11.17
N PHE C 73 1.42 -25.70 10.58
CA PHE C 73 0.26 -25.10 11.23
C PHE C 73 -0.07 -25.70 12.59
N CYS C 74 0.23 -26.97 12.78
CA CYS C 74 -0.05 -27.59 14.08
C CYS C 74 1.23 -28.08 14.77
N LYS C 75 2.38 -27.70 14.22
CA LYS C 75 3.69 -27.90 14.88
C LYS C 75 4.31 -26.56 15.32
N PRO C 76 4.30 -26.28 16.64
CA PRO C 76 4.90 -25.04 17.16
C PRO C 76 6.37 -24.93 16.77
N PRO C 77 6.84 -23.70 16.48
CA PRO C 77 8.19 -23.43 15.99
C PRO C 77 9.32 -23.79 16.98
N GLN D 31 23.80 5.45 -14.58
CA GLN D 31 22.71 5.61 -15.55
C GLN D 31 23.11 5.11 -16.94
N ILE D 32 22.18 4.42 -17.58
CA ILE D 32 22.33 3.95 -18.95
C ILE D 32 21.29 4.72 -19.75
N VAL D 33 21.69 5.27 -20.89
CA VAL D 33 20.80 6.08 -21.71
C VAL D 33 20.82 5.67 -23.17
N HIS D 34 19.68 5.26 -23.72
CA HIS D 34 19.58 4.91 -25.14
C HIS D 34 18.92 6.03 -25.92
N VAL D 35 19.73 6.75 -26.68
CA VAL D 35 19.26 7.80 -27.56
C VAL D 35 19.02 7.30 -28.99
N ARG D 36 17.83 7.49 -29.52
CA ARG D 36 17.48 6.96 -30.84
C ARG D 36 18.27 7.71 -31.92
N GLY D 37 18.38 7.09 -33.10
CA GLY D 37 19.16 7.62 -34.21
C GLY D 37 18.93 9.08 -34.56
N ASP D 38 17.71 9.42 -34.92
CA ASP D 38 17.42 10.81 -35.31
C ASP D 38 16.89 11.72 -34.20
N SER D 39 17.49 11.72 -33.01
CA SER D 39 16.88 12.46 -31.90
C SER D 39 16.84 13.96 -32.16
N GLU D 40 17.91 14.50 -32.76
CA GLU D 40 17.95 15.93 -33.11
C GLU D 40 16.87 16.29 -34.13
N THR D 41 16.76 15.51 -35.20
CA THR D 41 15.69 15.66 -36.17
C THR D 41 14.33 15.54 -35.51
N ASP D 42 14.18 14.48 -34.72
CA ASP D 42 12.92 14.17 -34.06
C ASP D 42 12.48 15.32 -33.17
N LEU D 43 13.44 15.90 -32.44
CA LEU D 43 13.11 17.02 -31.56
C LEU D 43 12.66 18.23 -32.37
N GLU D 44 13.33 18.49 -33.48
CA GLU D 44 12.94 19.59 -34.36
C GLU D 44 11.54 19.35 -34.90
N ALA D 45 11.24 18.09 -35.23
CA ALA D 45 9.94 17.70 -35.77
C ALA D 45 8.83 18.02 -34.78
N LEU D 46 9.15 17.92 -33.50
CA LEU D 46 8.21 18.21 -32.43
C LEU D 46 7.73 19.65 -32.50
N PHE D 47 8.62 20.57 -32.90
CA PHE D 47 8.25 21.97 -32.92
C PHE D 47 7.67 22.49 -34.25
N ASN D 48 8.23 22.10 -35.39
CA ASN D 48 7.67 22.63 -36.63
C ASN D 48 6.32 21.95 -36.95
N ALA D 49 6.01 20.88 -36.22
CA ALA D 49 4.69 20.28 -36.25
C ALA D 49 3.64 21.32 -35.85
N VAL D 50 4.05 22.27 -35.02
CA VAL D 50 3.17 23.33 -34.53
C VAL D 50 3.52 24.68 -35.16
N MET D 51 4.81 24.88 -35.45
CA MET D 51 5.22 26.14 -36.05
C MET D 51 5.02 26.16 -37.58
N ASN D 52 5.08 24.99 -38.22
CA ASN D 52 4.87 24.88 -39.67
C ASN D 52 3.99 23.67 -40.07
N PRO D 53 2.73 23.68 -39.63
CA PRO D 53 1.88 22.48 -39.69
C PRO D 53 1.63 21.93 -41.11
N LYS D 54 1.53 22.80 -42.11
CA LYS D 54 1.23 22.33 -43.46
C LYS D 54 2.46 21.74 -44.16
N THR D 55 3.64 22.06 -43.63
CA THR D 55 4.92 21.63 -44.19
C THR D 55 5.45 20.38 -43.49
N ALA D 56 5.15 20.25 -42.21
CA ALA D 56 5.69 19.17 -41.41
C ALA D 56 5.00 17.89 -41.78
N ASN D 57 5.78 16.84 -41.99
CA ASN D 57 5.19 15.55 -42.27
C ASN D 57 5.25 14.74 -40.99
N VAL D 58 4.32 15.02 -40.08
CA VAL D 58 4.28 14.34 -38.79
C VAL D 58 2.88 13.81 -38.55
N PRO D 59 2.75 12.75 -37.73
CA PRO D 59 1.43 12.22 -37.41
C PRO D 59 0.58 13.26 -36.70
N GLN D 60 -0.73 13.04 -36.72
CA GLN D 60 -1.66 13.95 -36.08
C GLN D 60 -2.41 13.21 -35.01
N THR D 61 -3.05 13.94 -34.11
CA THR D 61 -3.66 13.28 -32.98
C THR D 61 -4.88 14.04 -32.51
N VAL D 62 -5.81 13.33 -31.88
CA VAL D 62 -6.86 14.03 -31.15
C VAL D 62 -6.25 14.77 -29.95
N PRO D 63 -6.49 16.09 -29.85
CA PRO D 63 -6.04 16.88 -28.71
C PRO D 63 -6.54 16.32 -27.40
N MET D 64 -5.68 16.30 -26.39
CA MET D 64 -6.04 15.74 -25.09
C MET D 64 -7.29 16.36 -24.51
N CYS D 65 -7.42 17.67 -24.62
CA CYS D 65 -8.53 18.34 -23.97
C CYS D 65 -9.87 18.09 -24.70
N LEU D 66 -9.82 17.35 -25.80
CA LEU D 66 -11.02 17.03 -26.56
C LEU D 66 -11.39 15.57 -26.43
N ARG D 67 -10.64 14.86 -25.61
CA ARG D 67 -10.80 13.43 -25.47
C ARG D 67 -11.76 13.10 -24.34
N LYS D 68 -12.21 11.85 -24.27
CA LYS D 68 -13.12 11.46 -23.20
C LYS D 68 -12.32 11.24 -21.92
N LEU D 69 -12.04 12.33 -21.22
CA LEU D 69 -11.27 12.30 -19.99
C LEU D 69 -11.98 13.12 -18.94
N PRO D 70 -11.70 12.86 -17.66
CA PRO D 70 -12.28 13.66 -16.58
C PRO D 70 -12.14 15.16 -16.83
N ALA D 71 -13.12 15.92 -16.38
CA ALA D 71 -13.12 17.36 -16.59
C ALA D 71 -11.92 18.02 -15.95
N SER D 72 -11.39 17.41 -14.90
CA SER D 72 -10.25 17.98 -14.20
C SER D 72 -9.01 17.98 -15.06
N PHE D 73 -8.99 17.16 -16.11
CA PHE D 73 -7.76 16.94 -16.86
C PHE D 73 -7.21 18.21 -17.48
N CYS D 74 -8.08 19.14 -17.81
CA CYS D 74 -7.60 20.37 -18.41
C CYS D 74 -7.98 21.58 -17.55
N LYS D 75 -8.47 21.31 -16.34
CA LYS D 75 -8.69 22.35 -15.36
C LYS D 75 -7.75 22.19 -14.15
N PRO D 76 -6.67 23.00 -14.08
CA PRO D 76 -5.75 22.94 -12.94
C PRO D 76 -6.43 23.20 -11.60
N PRO D 77 -6.00 22.51 -10.51
CA PRO D 77 -6.63 22.59 -9.19
C PRO D 77 -6.68 23.99 -8.60
CL CL E . 3.83 18.20 -4.91
#